data_5I1U
#
_entry.id   5I1U
#
_cell.length_a   51.369
_cell.length_b   74.127
_cell.length_c   82.489
_cell.angle_alpha   90.00
_cell.angle_beta   91.72
_cell.angle_gamma   90.00
#
_symmetry.space_group_name_H-M   'P 1 21 1'
#
loop_
_entity.id
_entity.type
_entity.pdbx_description
1 polymer 'Germacradien-4-ol synthase'
2 non-polymer 'SULFATE ION'
3 water water
#
_entity_poly.entity_id   1
_entity_poly.type   'polypeptide(L)'
_entity_poly.pdbx_seq_one_letter_code
;MGSSHHHHHHSSGLVPRGSMSDDTSLELPFTHRRNPHQTEAADRHLEWLQRHRELAAVVSGSTYTGWDITELASLVYPES
SAEDLALAADLMGFYFLFDDQFDSPLGRRPEQVALICERLSAIAHGTLTAVTSPSERAFADLWRRITLGMTDRWRARAAC
NWEYYFACHPAEAAGRTIGQPPDREGYLTLRRGTAAMESIFDMIERLGHFEVPQHVMHHPLFRQLRQLAADIPSFTNDVR
SFAQESERGDVANLVMIVRRDRCCSTAEACAVVWDEAQRMADRFCDLRDQLPDACRSMSLDPAQRLAAERYADGMALWLA
GYLHWESHTRRYHHG
;
_entity_poly.pdbx_strand_id   A,B
#
# COMPACT_ATOMS: atom_id res chain seq x y z
N MET A 20 -16.56 18.20 -20.09
CA MET A 20 -15.51 17.84 -21.05
C MET A 20 -16.05 16.95 -22.17
N SER A 21 -15.61 17.24 -23.40
CA SER A 21 -16.03 16.45 -24.57
C SER A 21 -15.61 14.99 -24.47
N ASP A 22 -16.45 14.08 -24.97
CA ASP A 22 -16.07 12.65 -24.99
C ASP A 22 -15.12 12.42 -26.16
N ASP A 23 -14.93 13.50 -26.92
CA ASP A 23 -13.97 13.60 -28.01
C ASP A 23 -12.52 13.71 -27.50
N THR A 24 -12.35 14.34 -26.34
CA THR A 24 -10.99 14.59 -25.89
C THR A 24 -10.45 13.40 -25.14
N SER A 25 -9.15 13.18 -25.28
CA SER A 25 -8.48 12.06 -24.68
C SER A 25 -7.22 12.54 -23.98
N LEU A 26 -6.72 11.79 -23.00
CA LEU A 26 -5.37 12.02 -22.49
C LEU A 26 -4.37 11.64 -23.56
N GLU A 27 -3.27 12.38 -23.63
CA GLU A 27 -2.22 12.12 -24.63
C GLU A 27 -1.31 11.00 -24.14
N LEU A 28 -1.19 9.92 -24.93
CA LEU A 28 -0.23 8.85 -24.70
C LEU A 28 0.49 8.54 -26.01
N PRO A 29 1.74 8.03 -25.93
CA PRO A 29 2.53 7.71 -27.14
C PRO A 29 2.24 6.32 -27.72
N PHE A 30 1.25 5.61 -27.20
CA PHE A 30 0.88 4.32 -27.71
C PHE A 30 -0.64 4.30 -27.65
N THR A 31 -1.23 3.35 -28.36
CA THR A 31 -2.69 3.26 -28.36
CA THR A 31 -2.68 3.17 -28.48
C THR A 31 -3.19 2.02 -27.59
N HIS A 32 -4.51 1.97 -27.37
CA HIS A 32 -5.12 0.80 -26.75
C HIS A 32 -5.10 -0.42 -27.69
N ARG A 33 -5.34 -1.58 -27.09
CA ARG A 33 -5.57 -2.82 -27.84
C ARG A 33 -6.86 -3.45 -27.37
N ARG A 34 -7.39 -4.37 -28.19
CA ARG A 34 -8.66 -4.99 -27.91
C ARG A 34 -8.52 -6.52 -27.97
N ASN A 35 -9.05 -7.21 -26.95
CA ASN A 35 -8.98 -8.64 -26.92
C ASN A 35 -9.78 -9.30 -28.06
N PRO A 36 -9.12 -10.19 -28.82
CA PRO A 36 -9.84 -10.93 -29.86
C PRO A 36 -10.86 -11.94 -29.35
N HIS A 37 -10.93 -12.18 -28.04
CA HIS A 37 -11.86 -13.16 -27.49
C HIS A 37 -13.10 -12.49 -26.91
N GLN A 38 -13.30 -11.22 -27.24
CA GLN A 38 -14.37 -10.44 -26.62
C GLN A 38 -15.78 -11.07 -26.77
N THR A 39 -16.12 -11.57 -27.96
CA THR A 39 -17.44 -12.18 -28.14
C THR A 39 -17.65 -13.43 -27.30
N GLU A 40 -16.68 -14.34 -27.33
CA GLU A 40 -16.76 -15.56 -26.54
C GLU A 40 -16.82 -15.22 -25.04
N ALA A 41 -16.05 -14.24 -24.59
CA ALA A 41 -16.05 -13.93 -23.15
C ALA A 41 -17.39 -13.29 -22.74
N ALA A 42 -17.95 -12.48 -23.64
CA ALA A 42 -19.28 -11.87 -23.39
C ALA A 42 -20.35 -12.94 -23.20
N ASP A 43 -20.26 -14.02 -23.98
CA ASP A 43 -21.21 -15.13 -23.83
C ASP A 43 -21.06 -15.81 -22.47
N ARG A 44 -19.81 -16.00 -22.04
CA ARG A 44 -19.50 -16.57 -20.73
C ARG A 44 -19.95 -15.66 -19.60
N HIS A 45 -19.80 -14.37 -19.79
CA HIS A 45 -20.19 -13.40 -18.79
C HIS A 45 -21.71 -13.39 -18.61
N LEU A 46 -22.47 -13.49 -19.70
CA LEU A 46 -23.89 -13.61 -19.60
C LEU A 46 -24.28 -14.85 -18.80
N GLU A 47 -23.57 -15.96 -18.99
CA GLU A 47 -23.88 -17.16 -18.20
C GLU A 47 -23.61 -16.94 -16.69
N TRP A 48 -22.50 -16.27 -16.36
CA TRP A 48 -22.22 -15.93 -14.98
C TRP A 48 -23.33 -15.05 -14.38
N LEU A 49 -23.82 -14.09 -15.14
CA LEU A 49 -24.88 -13.20 -14.65
C LEU A 49 -26.14 -13.99 -14.33
N GLN A 50 -26.38 -15.03 -15.11
CA GLN A 50 -27.51 -15.93 -14.88
C GLN A 50 -27.30 -16.76 -13.61
N ARG A 51 -26.07 -17.20 -13.37
CA ARG A 51 -25.81 -17.94 -12.15
CA ARG A 51 -25.73 -17.92 -12.15
C ARG A 51 -25.83 -17.05 -10.91
N HIS A 52 -25.74 -15.73 -11.11
CA HIS A 52 -25.77 -14.79 -10.00
C HIS A 52 -26.90 -13.77 -10.18
N ARG A 53 -28.05 -14.30 -10.60
CA ARG A 53 -29.21 -13.50 -10.95
C ARG A 53 -29.64 -12.57 -9.84
N GLU A 54 -29.61 -13.05 -8.58
CA GLU A 54 -30.02 -12.19 -7.49
C GLU A 54 -29.13 -10.95 -7.30
N LEU A 55 -27.83 -11.12 -7.53
CA LEU A 55 -26.86 -10.01 -7.48
C LEU A 55 -27.10 -9.03 -8.64
N ALA A 56 -27.27 -9.57 -9.83
CA ALA A 56 -27.43 -8.75 -11.04
C ALA A 56 -28.74 -7.97 -11.07
N ALA A 57 -29.78 -8.51 -10.42
CA ALA A 57 -31.12 -7.92 -10.45
C ALA A 57 -31.26 -6.60 -9.66
N VAL A 58 -30.19 -6.17 -9.00
CA VAL A 58 -30.24 -4.91 -8.26
C VAL A 58 -30.31 -3.68 -9.17
N VAL A 59 -30.06 -3.88 -10.46
CA VAL A 59 -30.21 -2.81 -11.46
C VAL A 59 -30.91 -3.39 -12.69
N SER A 60 -31.43 -2.50 -13.53
CA SER A 60 -32.14 -2.95 -14.71
C SER A 60 -31.18 -3.53 -15.73
N GLY A 61 -31.70 -4.33 -16.65
CA GLY A 61 -30.91 -4.74 -17.80
C GLY A 61 -30.38 -3.56 -18.61
N SER A 62 -31.17 -2.50 -18.77
CA SER A 62 -30.71 -1.30 -19.48
CA SER A 62 -30.71 -1.29 -19.46
C SER A 62 -29.52 -0.60 -18.78
N THR A 63 -29.60 -0.43 -17.46
CA THR A 63 -28.49 0.16 -16.72
C THR A 63 -27.25 -0.70 -16.88
N TYR A 64 -27.40 -2.01 -16.67
CA TYR A 64 -26.25 -2.90 -16.77
C TYR A 64 -25.60 -2.87 -18.18
N THR A 65 -26.43 -2.99 -19.23
CA THR A 65 -25.88 -2.92 -20.58
CA THR A 65 -25.92 -2.92 -20.60
C THR A 65 -25.19 -1.60 -20.83
N GLY A 66 -25.73 -0.52 -20.26
CA GLY A 66 -25.17 0.81 -20.41
C GLY A 66 -23.72 0.90 -19.94
N TRP A 67 -23.40 0.07 -18.96
CA TRP A 67 -22.03 0.06 -18.42
C TRP A 67 -20.98 -0.47 -19.41
N ASP A 68 -21.42 -1.31 -20.33
CA ASP A 68 -20.56 -1.97 -21.31
C ASP A 68 -19.36 -2.65 -20.66
N ILE A 69 -19.71 -3.55 -19.78
CA ILE A 69 -18.73 -4.26 -18.97
C ILE A 69 -17.78 -5.15 -19.77
N THR A 70 -18.26 -5.87 -20.79
CA THR A 70 -17.39 -6.78 -21.52
CA THR A 70 -17.35 -6.77 -21.46
C THR A 70 -16.44 -5.98 -22.42
N GLU A 71 -16.93 -4.85 -22.92
CA GLU A 71 -16.06 -3.93 -23.67
C GLU A 71 -14.89 -3.42 -22.79
N LEU A 72 -15.22 -2.94 -21.60
CA LEU A 72 -14.21 -2.56 -20.62
C LEU A 72 -13.16 -3.65 -20.39
N ALA A 73 -13.60 -4.88 -20.11
CA ALA A 73 -12.70 -5.99 -19.80
C ALA A 73 -11.78 -6.27 -21.01
N SER A 74 -12.36 -6.25 -22.20
CA SER A 74 -11.60 -6.56 -23.42
CA SER A 74 -11.61 -6.56 -23.42
C SER A 74 -10.50 -5.54 -23.71
N LEU A 75 -10.77 -4.28 -23.38
CA LEU A 75 -9.80 -3.21 -23.63
C LEU A 75 -8.72 -3.16 -22.57
N VAL A 76 -9.04 -3.54 -21.34
CA VAL A 76 -8.14 -3.36 -20.24
CA VAL A 76 -8.04 -3.34 -20.30
C VAL A 76 -7.21 -4.58 -20.01
N TYR A 77 -7.65 -5.77 -20.41
CA TYR A 77 -6.83 -6.98 -20.40
C TYR A 77 -6.85 -7.62 -21.80
N PRO A 78 -6.20 -6.97 -22.79
CA PRO A 78 -6.42 -7.36 -24.20
C PRO A 78 -5.62 -8.58 -24.62
N GLU A 79 -4.72 -9.06 -23.75
CA GLU A 79 -3.92 -10.25 -24.09
C GLU A 79 -4.32 -11.53 -23.33
N SER A 80 -5.41 -11.46 -22.55
CA SER A 80 -5.87 -12.64 -21.80
C SER A 80 -6.59 -13.68 -22.69
N SER A 81 -6.54 -14.94 -22.28
CA SER A 81 -7.33 -16.00 -22.93
C SER A 81 -8.83 -15.74 -22.82
N ALA A 82 -9.64 -16.49 -23.60
CA ALA A 82 -11.09 -16.33 -23.49
C ALA A 82 -11.58 -16.58 -22.05
N GLU A 83 -11.09 -17.65 -21.43
CA GLU A 83 -11.50 -18.00 -20.07
C GLU A 83 -11.09 -16.92 -19.06
N ASP A 84 -9.87 -16.40 -19.22
CA ASP A 84 -9.41 -15.34 -18.30
C ASP A 84 -10.11 -13.99 -18.55
N LEU A 85 -10.45 -13.70 -19.80
CA LEU A 85 -11.18 -12.48 -20.11
C LEU A 85 -12.59 -12.56 -19.49
N ALA A 86 -13.21 -13.74 -19.58
CA ALA A 86 -14.52 -13.90 -18.92
C ALA A 86 -14.42 -13.61 -17.41
N LEU A 87 -13.33 -14.07 -16.78
CA LEU A 87 -13.13 -13.79 -15.36
C LEU A 87 -12.98 -12.29 -15.11
N ALA A 88 -12.24 -11.58 -15.99
CA ALA A 88 -12.15 -10.14 -15.89
C ALA A 88 -13.53 -9.47 -16.01
N ALA A 89 -14.36 -9.96 -16.94
CA ALA A 89 -15.68 -9.40 -17.12
C ALA A 89 -16.55 -9.62 -15.87
N ASP A 90 -16.55 -10.85 -15.39
CA ASP A 90 -17.30 -11.19 -14.17
C ASP A 90 -16.86 -10.30 -13.02
N LEU A 91 -15.54 -10.11 -12.90
CA LEU A 91 -14.99 -9.27 -11.83
C LEU A 91 -15.46 -7.82 -11.95
N MET A 92 -15.38 -7.24 -13.16
CA MET A 92 -15.80 -5.84 -13.31
CA MET A 92 -15.81 -5.85 -13.32
C MET A 92 -17.30 -5.72 -13.05
N GLY A 93 -18.08 -6.70 -13.51
CA GLY A 93 -19.50 -6.67 -13.23
C GLY A 93 -19.77 -6.69 -11.72
N PHE A 94 -19.01 -7.50 -10.98
CA PHE A 94 -19.12 -7.51 -9.52
C PHE A 94 -18.84 -6.14 -8.93
N TYR A 95 -17.75 -5.50 -9.33
CA TYR A 95 -17.44 -4.17 -8.83
C TYR A 95 -18.57 -3.14 -9.07
N PHE A 96 -19.12 -3.15 -10.28
CA PHE A 96 -20.15 -2.18 -10.61
C PHE A 96 -21.44 -2.48 -9.81
N LEU A 97 -21.77 -3.76 -9.65
CA LEU A 97 -22.99 -4.18 -8.92
C LEU A 97 -22.88 -4.05 -7.41
N PHE A 98 -21.67 -4.25 -6.91
CA PHE A 98 -21.46 -4.26 -5.47
C PHE A 98 -21.72 -2.88 -4.97
N ASP A 99 -21.04 -1.94 -5.62
CA ASP A 99 -21.07 -0.54 -5.25
C ASP A 99 -22.44 0.07 -5.47
N ASP A 100 -23.10 -0.34 -6.53
CA ASP A 100 -24.43 0.21 -6.79
C ASP A 100 -25.36 -0.17 -5.65
N GLN A 101 -25.11 -1.29 -5.01
CA GLN A 101 -25.93 -1.69 -3.88
C GLN A 101 -25.85 -0.64 -2.72
N PHE A 102 -24.84 0.23 -2.73
CA PHE A 102 -24.72 1.25 -1.67
C PHE A 102 -25.16 2.65 -2.09
N ASP A 103 -25.70 2.76 -3.31
CA ASP A 103 -26.34 3.99 -3.76
C ASP A 103 -27.81 3.88 -3.32
N SER A 104 -28.03 3.97 -2.00
CA SER A 104 -29.26 3.53 -1.36
C SER A 104 -29.30 4.01 0.10
N PRO A 105 -30.46 3.87 0.77
CA PRO A 105 -30.44 4.20 2.20
C PRO A 105 -29.48 3.33 3.00
N LEU A 106 -29.27 2.09 2.59
CA LEU A 106 -28.27 1.24 3.26
C LEU A 106 -26.90 1.90 3.19
N GLY A 107 -26.61 2.58 2.08
CA GLY A 107 -25.32 3.20 1.88
C GLY A 107 -25.10 4.39 2.79
N ARG A 108 -26.11 4.71 3.58
CA ARG A 108 -26.02 5.80 4.55
C ARG A 108 -26.01 5.27 5.98
N ARG A 109 -25.83 3.97 6.13
CA ARG A 109 -25.75 3.33 7.45
C ARG A 109 -24.40 2.62 7.64
N PRO A 110 -23.37 3.36 8.10
CA PRO A 110 -22.00 2.82 8.10
C PRO A 110 -21.83 1.53 8.92
N GLU A 111 -22.57 1.37 10.03
CA GLU A 111 -22.40 0.16 10.83
C GLU A 111 -22.91 -1.06 10.08
N GLN A 112 -24.04 -0.91 9.39
CA GLN A 112 -24.53 -2.01 8.56
C GLN A 112 -23.55 -2.34 7.44
N VAL A 113 -22.99 -1.31 6.83
CA VAL A 113 -22.01 -1.48 5.77
C VAL A 113 -20.79 -2.21 6.35
N ALA A 114 -20.41 -1.87 7.59
CA ALA A 114 -19.22 -2.49 8.19
C ALA A 114 -19.42 -3.99 8.42
N LEU A 115 -20.60 -4.40 8.89
CA LEU A 115 -20.88 -5.83 9.02
CA LEU A 115 -20.86 -5.81 9.03
C LEU A 115 -20.77 -6.57 7.69
N ILE A 116 -21.38 -6.00 6.65
CA ILE A 116 -21.36 -6.63 5.33
C ILE A 116 -19.91 -6.79 4.81
N CYS A 117 -19.14 -5.73 4.97
CA CYS A 117 -17.80 -5.70 4.39
C CYS A 117 -16.80 -6.53 5.19
N GLU A 118 -17.03 -6.66 6.51
CA GLU A 118 -16.20 -7.55 7.31
C GLU A 118 -16.38 -9.01 6.86
N ARG A 119 -17.62 -9.43 6.61
CA ARG A 119 -17.87 -10.80 6.13
C ARG A 119 -17.18 -11.09 4.79
N LEU A 120 -17.19 -10.10 3.90
CA LEU A 120 -16.58 -10.26 2.57
C LEU A 120 -15.05 -10.40 2.73
N SER A 121 -14.44 -9.58 3.57
CA SER A 121 -13.00 -9.76 3.81
C SER A 121 -12.70 -11.12 4.39
N ALA A 122 -13.59 -11.63 5.24
CA ALA A 122 -13.37 -12.96 5.83
C ALA A 122 -13.32 -14.04 4.74
N ILE A 123 -14.10 -13.85 3.66
CA ILE A 123 -14.02 -14.79 2.55
C ILE A 123 -12.61 -14.77 1.91
N ALA A 124 -12.07 -13.57 1.69
CA ALA A 124 -10.74 -13.43 1.08
C ALA A 124 -9.66 -14.13 1.91
N HIS A 125 -9.85 -14.12 3.21
CA HIS A 125 -8.88 -14.68 4.14
C HIS A 125 -9.23 -16.11 4.60
N GLY A 126 -10.29 -16.67 4.02
CA GLY A 126 -10.68 -18.05 4.30
C GLY A 126 -11.31 -18.35 5.65
N THR A 127 -11.88 -17.33 6.31
CA THR A 127 -12.45 -17.54 7.65
C THR A 127 -13.99 -17.39 7.73
N LEU A 128 -14.67 -17.27 6.61
CA LEU A 128 -16.12 -17.08 6.70
C LEU A 128 -16.80 -18.44 6.92
N THR A 129 -17.66 -18.50 7.94
CA THR A 129 -18.23 -19.82 8.24
CA THR A 129 -18.41 -19.67 8.34
C THR A 129 -19.25 -20.28 7.21
N ALA A 130 -20.17 -19.45 6.75
CA ALA A 130 -21.08 -19.84 5.66
C ALA A 130 -21.43 -18.62 4.86
N VAL A 131 -21.58 -18.80 3.54
CA VAL A 131 -22.04 -17.68 2.70
CA VAL A 131 -22.04 -17.76 2.62
C VAL A 131 -23.55 -17.51 2.78
N THR A 132 -23.96 -16.27 3.03
CA THR A 132 -25.40 -16.02 3.29
C THR A 132 -25.96 -14.79 2.56
N SER A 133 -25.31 -14.34 1.47
CA SER A 133 -25.92 -13.27 0.67
C SER A 133 -25.49 -13.46 -0.79
N PRO A 134 -26.21 -12.80 -1.73
CA PRO A 134 -25.77 -12.86 -3.13
C PRO A 134 -24.37 -12.27 -3.32
N SER A 135 -24.03 -11.19 -2.61
CA SER A 135 -22.67 -10.63 -2.76
C SER A 135 -21.61 -11.61 -2.27
N GLU A 136 -21.88 -12.23 -1.11
CA GLU A 136 -20.93 -13.22 -0.58
C GLU A 136 -20.74 -14.40 -1.53
N ARG A 137 -21.83 -14.87 -2.12
CA ARG A 137 -21.75 -15.99 -3.02
C ARG A 137 -20.98 -15.64 -4.28
N ALA A 138 -21.27 -14.46 -4.83
CA ALA A 138 -20.56 -14.04 -6.05
C ALA A 138 -19.07 -13.86 -5.78
N PHE A 139 -18.76 -13.22 -4.66
CA PHE A 139 -17.35 -12.96 -4.36
C PHE A 139 -16.58 -14.29 -4.06
N ALA A 140 -17.21 -15.23 -3.34
CA ALA A 140 -16.56 -16.51 -3.09
C ALA A 140 -16.26 -17.23 -4.42
N ASP A 141 -17.16 -17.11 -5.43
CA ASP A 141 -16.92 -17.74 -6.74
C ASP A 141 -15.75 -17.08 -7.43
N LEU A 142 -15.75 -15.76 -7.42
CA LEU A 142 -14.67 -15.02 -8.06
C LEU A 142 -13.31 -15.30 -7.39
N TRP A 143 -13.31 -15.31 -6.05
CA TRP A 143 -12.06 -15.46 -5.31
C TRP A 143 -11.48 -16.85 -5.56
N ARG A 144 -12.33 -17.87 -5.66
CA ARG A 144 -11.86 -19.22 -5.97
C ARG A 144 -11.16 -19.20 -7.30
N ARG A 145 -11.75 -18.52 -8.28
CA ARG A 145 -11.18 -18.49 -9.62
C ARG A 145 -9.89 -17.63 -9.67
N ILE A 146 -9.90 -16.53 -8.93
CA ILE A 146 -8.76 -15.61 -8.91
C ILE A 146 -7.52 -16.28 -8.36
N THR A 147 -7.68 -17.10 -7.31
CA THR A 147 -6.50 -17.68 -6.67
C THR A 147 -5.98 -18.94 -7.36
N LEU A 148 -6.74 -19.48 -8.31
CA LEU A 148 -6.26 -20.67 -9.05
C LEU A 148 -4.89 -20.46 -9.67
N GLY A 149 -3.99 -21.40 -9.39
CA GLY A 149 -2.66 -21.37 -10.00
C GLY A 149 -1.69 -20.32 -9.45
N MET A 150 -2.10 -19.56 -8.43
CA MET A 150 -1.24 -18.51 -7.87
C MET A 150 -0.64 -19.01 -6.57
N THR A 151 0.58 -18.58 -6.27
CA THR A 151 1.21 -18.97 -4.98
C THR A 151 0.48 -18.42 -3.78
N ASP A 152 0.61 -19.11 -2.63
CA ASP A 152 0.04 -18.59 -1.38
C ASP A 152 0.63 -17.21 -1.03
N ARG A 153 1.87 -17.00 -1.41
CA ARG A 153 2.53 -15.70 -1.22
C ARG A 153 1.87 -14.54 -2.02
N TRP A 154 1.58 -14.79 -3.30
CA TRP A 154 0.78 -13.83 -4.07
C TRP A 154 -0.64 -13.63 -3.43
N ARG A 155 -1.26 -14.74 -3.06
CA ARG A 155 -2.58 -14.71 -2.46
C ARG A 155 -2.61 -13.84 -1.21
N ALA A 156 -1.51 -13.84 -0.42
CA ALA A 156 -1.51 -13.00 0.76
C ALA A 156 -1.67 -11.52 0.40
N ARG A 157 -0.96 -11.05 -0.62
CA ARG A 157 -1.10 -9.63 -0.99
C ARG A 157 -2.48 -9.42 -1.65
N ALA A 158 -2.89 -10.34 -2.52
CA ALA A 158 -4.19 -10.18 -3.19
C ALA A 158 -5.32 -10.10 -2.14
N ALA A 159 -5.24 -10.93 -1.10
CA ALA A 159 -6.29 -10.95 -0.06
C ALA A 159 -6.26 -9.62 0.70
N CYS A 160 -5.05 -9.14 1.03
CA CYS A 160 -4.98 -7.82 1.70
C CYS A 160 -5.52 -6.67 0.86
N ASN A 161 -5.32 -6.73 -0.46
CA ASN A 161 -5.87 -5.69 -1.30
C ASN A 161 -7.40 -5.77 -1.42
N TRP A 162 -7.95 -6.97 -1.38
CA TRP A 162 -9.42 -7.12 -1.33
C TRP A 162 -9.96 -6.55 0.00
N GLU A 163 -9.28 -6.89 1.09
CA GLU A 163 -9.67 -6.37 2.42
C GLU A 163 -9.65 -4.83 2.43
N TYR A 164 -8.58 -4.23 1.86
CA TYR A 164 -8.47 -2.77 1.70
C TYR A 164 -9.73 -2.19 1.00
N TYR A 165 -10.06 -2.75 -0.16
CA TYR A 165 -11.29 -2.36 -0.89
C TYR A 165 -12.54 -2.46 -0.01
N PHE A 166 -12.78 -3.64 0.55
CA PHE A 166 -14.03 -3.79 1.31
C PHE A 166 -14.05 -2.80 2.50
N ALA A 167 -12.91 -2.71 3.16
CA ALA A 167 -12.83 -1.96 4.42
C ALA A 167 -13.01 -0.44 4.28
N CYS A 168 -12.85 0.11 3.08
CA CYS A 168 -13.04 1.54 2.85
C CYS A 168 -14.51 1.90 2.77
N HIS A 169 -15.37 0.92 2.61
CA HIS A 169 -16.79 1.25 2.32
C HIS A 169 -17.54 1.87 3.50
N PRO A 170 -17.27 1.47 4.76
CA PRO A 170 -17.96 2.19 5.86
C PRO A 170 -17.60 3.68 5.89
N ALA A 171 -16.32 4.02 5.65
CA ALA A 171 -15.95 5.43 5.61
C ALA A 171 -16.72 6.17 4.49
N GLU A 172 -16.85 5.54 3.33
CA GLU A 172 -17.58 6.12 2.20
CA GLU A 172 -17.57 6.14 2.21
C GLU A 172 -19.03 6.39 2.59
N ALA A 173 -19.65 5.44 3.26
CA ALA A 173 -21.02 5.60 3.75
C ALA A 173 -21.15 6.75 4.74
N ALA A 174 -20.21 6.82 5.69
CA ALA A 174 -20.21 7.94 6.64
C ALA A 174 -20.12 9.29 5.93
N GLY A 175 -19.33 9.35 4.86
CA GLY A 175 -19.20 10.55 4.07
C GLY A 175 -20.47 10.93 3.33
N ARG A 176 -21.41 9.98 3.27
CA ARG A 176 -22.79 10.10 2.76
C ARG A 176 -22.89 9.64 1.31
N PRO A 181 -18.54 17.98 1.62
CA PRO A 181 -17.34 18.41 0.89
C PRO A 181 -16.06 18.12 1.67
N PRO A 182 -15.26 17.14 1.20
CA PRO A 182 -14.06 16.69 1.90
C PRO A 182 -12.83 17.48 1.48
N ASP A 183 -11.74 17.39 2.23
CA ASP A 183 -10.47 17.95 1.74
C ASP A 183 -9.88 17.03 0.67
N ARG A 184 -8.98 17.58 -0.12
CA ARG A 184 -8.37 16.86 -1.23
CA ARG A 184 -8.38 16.86 -1.24
C ARG A 184 -7.70 15.56 -0.81
N GLU A 185 -6.83 15.65 0.20
CA GLU A 185 -6.06 14.51 0.62
C GLU A 185 -6.94 13.39 1.19
N GLY A 186 -7.91 13.74 2.04
CA GLY A 186 -8.88 12.75 2.51
C GLY A 186 -9.69 12.09 1.41
N TYR A 187 -10.15 12.90 0.47
CA TYR A 187 -10.93 12.39 -0.65
C TYR A 187 -10.11 11.41 -1.50
N LEU A 188 -8.88 11.81 -1.86
CA LEU A 188 -8.03 10.96 -2.69
C LEU A 188 -7.59 9.69 -1.93
N THR A 189 -7.41 9.79 -0.61
CA THR A 189 -7.05 8.62 0.18
C THR A 189 -8.21 7.61 0.17
N LEU A 190 -9.43 8.09 0.33
CA LEU A 190 -10.59 7.20 0.23
C LEU A 190 -10.75 6.62 -1.18
N ARG A 191 -10.64 7.50 -2.17
CA ARG A 191 -10.85 7.09 -3.56
C ARG A 191 -9.88 5.96 -3.99
N ARG A 192 -8.64 6.03 -3.52
CA ARG A 192 -7.68 4.99 -3.89
C ARG A 192 -8.14 3.62 -3.45
N GLY A 193 -8.85 3.58 -2.33
CA GLY A 193 -9.36 2.32 -1.81
C GLY A 193 -10.60 1.87 -2.56
N THR A 194 -11.57 2.76 -2.73
CA THR A 194 -12.83 2.34 -3.32
C THR A 194 -12.71 2.08 -4.83
N ALA A 195 -11.65 2.62 -5.45
CA ALA A 195 -11.41 2.39 -6.87
C ALA A 195 -10.93 0.95 -7.18
N ALA A 196 -10.42 0.24 -6.15
CA ALA A 196 -9.98 -1.19 -6.31
C ALA A 196 -8.84 -1.37 -7.31
N MET A 197 -8.11 -0.29 -7.59
CA MET A 197 -7.03 -0.42 -8.59
C MET A 197 -5.90 -1.36 -8.14
N GLU A 198 -5.66 -1.48 -6.84
CA GLU A 198 -4.63 -2.42 -6.41
C GLU A 198 -4.98 -3.85 -6.76
N SER A 199 -6.25 -4.26 -6.55
CA SER A 199 -6.68 -5.60 -6.97
C SER A 199 -6.71 -5.75 -8.50
N ILE A 200 -7.12 -4.66 -9.17
CA ILE A 200 -7.22 -4.65 -10.64
C ILE A 200 -5.82 -4.84 -11.25
N PHE A 201 -4.79 -4.32 -10.58
CA PHE A 201 -3.43 -4.59 -11.05
C PHE A 201 -2.84 -5.92 -10.55
N ASP A 202 -3.27 -6.41 -9.39
CA ASP A 202 -2.95 -7.78 -9.02
C ASP A 202 -3.38 -8.72 -10.13
N MET A 203 -4.52 -8.41 -10.78
CA MET A 203 -5.05 -9.31 -11.82
CA MET A 203 -5.03 -9.36 -11.79
C MET A 203 -4.15 -9.38 -13.05
N ILE A 204 -3.24 -8.42 -13.25
CA ILE A 204 -2.31 -8.55 -14.38
C ILE A 204 -1.52 -9.83 -14.28
N GLU A 205 -1.03 -10.13 -13.09
CA GLU A 205 -0.33 -11.40 -12.85
C GLU A 205 -1.22 -12.63 -13.03
N ARG A 206 -2.40 -12.65 -12.38
CA ARG A 206 -3.30 -13.82 -12.50
C ARG A 206 -3.73 -14.06 -13.95
N LEU A 207 -4.08 -12.99 -14.66
CA LEU A 207 -4.61 -13.15 -16.03
C LEU A 207 -3.49 -13.35 -17.05
N GLY A 208 -2.25 -13.08 -16.63
CA GLY A 208 -1.08 -13.36 -17.44
C GLY A 208 -0.35 -14.63 -17.05
N HIS A 209 -0.83 -15.28 -15.99
CA HIS A 209 -0.15 -16.48 -15.46
C HIS A 209 1.34 -16.33 -15.15
N PHE A 210 1.67 -15.27 -14.44
CA PHE A 210 3.06 -15.09 -14.01
C PHE A 210 3.08 -14.29 -12.74
N GLU A 211 4.21 -14.31 -12.01
CA GLU A 211 4.35 -13.52 -10.80
C GLU A 211 5.63 -12.70 -10.93
N VAL A 212 5.51 -11.45 -10.58
CA VAL A 212 6.66 -10.55 -10.78
CA VAL A 212 6.60 -10.46 -10.70
C VAL A 212 7.70 -10.75 -9.67
N PRO A 213 8.98 -10.74 -10.07
CA PRO A 213 10.05 -10.89 -9.05
C PRO A 213 9.92 -9.79 -7.98
N GLN A 214 10.12 -10.08 -6.68
CA GLN A 214 9.79 -9.08 -5.67
C GLN A 214 10.60 -7.80 -5.82
N HIS A 215 11.88 -7.93 -6.25
CA HIS A 215 12.71 -6.75 -6.32
C HIS A 215 12.50 -5.92 -7.61
N VAL A 216 11.64 -6.41 -8.52
CA VAL A 216 11.05 -5.60 -9.58
C VAL A 216 9.76 -4.91 -9.07
N MET A 217 8.84 -5.72 -8.52
CA MET A 217 7.61 -5.20 -7.94
C MET A 217 7.86 -3.98 -7.04
N HIS A 218 8.89 -4.08 -6.19
CA HIS A 218 9.11 -3.02 -5.20
C HIS A 218 10.24 -2.05 -5.54
N HIS A 219 10.80 -2.17 -6.76
CA HIS A 219 11.75 -1.17 -7.26
C HIS A 219 10.99 0.16 -7.36
N PRO A 220 11.61 1.30 -6.99
CA PRO A 220 10.85 2.55 -6.94
C PRO A 220 10.30 2.96 -8.31
N LEU A 221 10.95 2.57 -9.41
CA LEU A 221 10.42 2.94 -10.73
C LEU A 221 9.07 2.24 -10.91
N PHE A 222 9.00 0.96 -10.52
CA PHE A 222 7.79 0.19 -10.74
C PHE A 222 6.69 0.57 -9.74
N ARG A 223 7.09 0.88 -8.50
CA ARG A 223 6.06 1.30 -7.53
C ARG A 223 5.40 2.61 -8.01
N GLN A 224 6.21 3.52 -8.59
CA GLN A 224 5.67 4.72 -9.16
C GLN A 224 4.78 4.45 -10.39
N LEU A 225 5.19 3.55 -11.31
CA LEU A 225 4.30 3.23 -12.46
C LEU A 225 2.94 2.81 -11.93
N ARG A 226 2.95 1.94 -10.91
CA ARG A 226 1.69 1.38 -10.43
C ARG A 226 0.81 2.46 -9.81
N GLN A 227 1.41 3.34 -8.99
CA GLN A 227 0.61 4.40 -8.32
C GLN A 227 0.04 5.42 -9.31
N LEU A 228 0.86 5.81 -10.29
CA LEU A 228 0.42 6.74 -11.33
C LEU A 228 -0.74 6.14 -12.16
N ALA A 229 -0.57 4.88 -12.59
CA ALA A 229 -1.61 4.25 -13.44
C ALA A 229 -2.86 3.99 -12.61
N ALA A 230 -2.69 3.80 -11.31
CA ALA A 230 -3.87 3.63 -10.44
C ALA A 230 -4.62 4.97 -10.26
N ASP A 231 -3.88 6.08 -10.16
CA ASP A 231 -4.49 7.38 -9.86
C ASP A 231 -5.14 8.04 -11.06
N ILE A 232 -4.53 7.90 -12.22
CA ILE A 232 -5.03 8.62 -13.42
C ILE A 232 -6.53 8.39 -13.67
N PRO A 233 -7.02 7.14 -13.65
CA PRO A 233 -8.45 6.92 -13.96
C PRO A 233 -9.36 7.57 -12.94
N SER A 234 -8.94 7.71 -11.69
CA SER A 234 -9.79 8.38 -10.71
CA SER A 234 -9.82 8.37 -10.73
C SER A 234 -9.96 9.85 -11.08
N PHE A 235 -8.90 10.44 -11.61
CA PHE A 235 -8.93 11.85 -11.99
C PHE A 235 -9.80 12.06 -13.22
N THR A 236 -9.54 11.28 -14.25
CA THR A 236 -10.31 11.43 -15.47
C THR A 236 -11.78 11.09 -15.19
N ASN A 237 -12.05 10.07 -14.38
CA ASN A 237 -13.46 9.72 -14.08
C ASN A 237 -14.20 10.88 -13.42
N ASP A 238 -13.52 11.61 -12.52
CA ASP A 238 -14.19 12.71 -11.83
C ASP A 238 -14.51 13.85 -12.80
N VAL A 239 -13.65 14.11 -13.76
CA VAL A 239 -13.97 15.11 -14.78
C VAL A 239 -15.17 14.63 -15.61
N ARG A 240 -15.14 13.37 -16.06
CA ARG A 240 -16.24 12.86 -16.91
C ARG A 240 -17.58 12.92 -16.18
N SER A 241 -17.56 12.65 -14.89
CA SER A 241 -18.79 12.43 -14.12
C SER A 241 -19.29 13.66 -13.42
N PHE A 242 -18.52 14.75 -13.48
CA PHE A 242 -18.82 15.93 -12.70
C PHE A 242 -20.24 16.43 -12.94
N ALA A 243 -20.64 16.50 -14.21
CA ALA A 243 -21.97 17.01 -14.61
C ALA A 243 -23.09 16.27 -13.91
N GLN A 244 -23.05 14.94 -14.00
CA GLN A 244 -24.04 14.09 -13.35
C GLN A 244 -24.07 14.29 -11.85
N GLU A 245 -22.89 14.21 -11.23
CA GLU A 245 -22.79 14.32 -9.78
C GLU A 245 -23.12 15.73 -9.31
N ALA A 252 -18.35 15.19 -3.41
CA ALA A 252 -17.42 14.08 -3.40
C ALA A 252 -16.85 13.88 -4.80
N ASN A 253 -16.17 14.91 -5.31
CA ASN A 253 -15.62 14.89 -6.67
C ASN A 253 -14.47 15.90 -6.69
N LEU A 254 -13.31 15.54 -7.24
CA LEU A 254 -12.12 16.40 -7.17
C LEU A 254 -12.32 17.72 -7.91
N VAL A 255 -13.15 17.74 -8.96
CA VAL A 255 -13.42 18.99 -9.69
C VAL A 255 -14.13 19.95 -8.73
N MET A 256 -15.11 19.45 -7.98
CA MET A 256 -15.81 20.29 -7.02
C MET A 256 -14.88 20.83 -5.93
N ILE A 257 -13.96 19.98 -5.48
CA ILE A 257 -13.02 20.34 -4.42
C ILE A 257 -12.08 21.45 -4.91
N VAL A 258 -11.54 21.28 -6.11
CA VAL A 258 -10.68 22.30 -6.70
C VAL A 258 -11.41 23.62 -6.93
N ARG A 259 -12.61 23.55 -7.52
CA ARG A 259 -13.40 24.76 -7.81
C ARG A 259 -13.64 25.56 -6.52
N ARG A 260 -13.94 24.83 -5.45
CA ARG A 260 -14.17 25.45 -4.15
C ARG A 260 -12.88 26.06 -3.58
N ASP A 261 -11.85 25.22 -3.50
CA ASP A 261 -10.58 25.61 -2.91
C ASP A 261 -9.92 26.79 -3.62
N ARG A 262 -10.05 26.85 -4.95
CA ARG A 262 -9.37 27.87 -5.73
C ARG A 262 -10.25 29.07 -6.02
N CYS A 263 -11.54 28.90 -5.73
CA CYS A 263 -12.56 29.90 -6.04
C CYS A 263 -12.50 30.26 -7.52
N CYS A 264 -12.46 29.22 -8.36
CA CYS A 264 -12.27 29.45 -9.80
C CYS A 264 -13.52 29.00 -10.56
N SER A 265 -13.54 29.18 -11.88
CA SER A 265 -14.68 28.72 -12.67
C SER A 265 -14.72 27.20 -12.72
N THR A 266 -15.88 26.66 -13.12
CA THR A 266 -16.05 25.22 -13.26
C THR A 266 -15.15 24.65 -14.35
N ALA A 267 -15.08 25.34 -15.48
CA ALA A 267 -14.29 24.88 -16.60
C ALA A 267 -12.80 24.94 -16.24
N GLU A 268 -12.42 25.95 -15.47
CA GLU A 268 -11.06 26.05 -14.96
C GLU A 268 -10.76 24.86 -14.04
N ALA A 269 -11.69 24.53 -13.15
CA ALA A 269 -11.47 23.39 -12.26
C ALA A 269 -11.36 22.08 -13.03
N CYS A 270 -12.22 21.86 -14.04
CA CYS A 270 -12.07 20.67 -14.90
C CYS A 270 -10.69 20.61 -15.54
N ALA A 271 -10.22 21.75 -16.08
CA ALA A 271 -8.88 21.74 -16.67
C ALA A 271 -7.76 21.45 -15.68
N VAL A 272 -7.87 21.96 -14.45
CA VAL A 272 -6.85 21.71 -13.44
C VAL A 272 -6.72 20.20 -13.18
N VAL A 273 -7.87 19.56 -12.98
CA VAL A 273 -7.90 18.11 -12.74
C VAL A 273 -7.44 17.29 -13.96
N TRP A 274 -7.96 17.60 -15.14
CA TRP A 274 -7.51 16.91 -16.33
C TRP A 274 -6.00 17.09 -16.56
N ASP A 275 -5.49 18.30 -16.30
CA ASP A 275 -4.09 18.57 -16.63
C ASP A 275 -3.18 17.85 -15.64
N GLU A 276 -3.66 17.63 -14.41
CA GLU A 276 -2.87 16.86 -13.44
CA GLU A 276 -2.86 16.85 -13.45
C GLU A 276 -2.83 15.38 -13.87
N ALA A 277 -3.95 14.89 -14.41
CA ALA A 277 -3.97 13.55 -14.97
C ALA A 277 -2.98 13.45 -16.11
N GLN A 278 -2.90 14.49 -16.94
CA GLN A 278 -1.97 14.49 -18.08
C GLN A 278 -0.51 14.49 -17.60
N ARG A 279 -0.23 15.28 -16.57
CA ARG A 279 1.13 15.29 -15.97
C ARG A 279 1.51 13.91 -15.45
N MET A 280 0.57 13.27 -14.78
CA MET A 280 0.80 11.89 -14.32
C MET A 280 1.05 10.91 -15.46
N ALA A 281 0.26 11.03 -16.53
CA ALA A 281 0.45 10.18 -17.70
C ALA A 281 1.87 10.40 -18.29
N ASP A 282 2.28 11.66 -18.37
CA ASP A 282 3.60 11.99 -18.95
C ASP A 282 4.71 11.36 -18.10
N ARG A 283 4.54 11.44 -16.78
CA ARG A 283 5.54 10.90 -15.84
C ARG A 283 5.58 9.37 -15.96
N PHE A 284 4.39 8.76 -16.09
CA PHE A 284 4.30 7.32 -16.32
C PHE A 284 5.13 6.92 -17.53
N CYS A 285 4.96 7.65 -18.62
CA CYS A 285 5.65 7.28 -19.86
C CYS A 285 7.15 7.57 -19.75
N ASP A 286 7.54 8.64 -19.05
CA ASP A 286 8.97 8.91 -18.83
C ASP A 286 9.60 7.77 -18.05
N LEU A 287 8.89 7.27 -17.02
CA LEU A 287 9.43 6.18 -16.22
C LEU A 287 9.50 4.90 -17.05
N ARG A 288 8.50 4.66 -17.90
CA ARG A 288 8.56 3.48 -18.78
CA ARG A 288 8.57 3.47 -18.78
C ARG A 288 9.80 3.52 -19.68
N ASP A 289 10.15 4.72 -20.17
CA ASP A 289 11.39 4.91 -20.98
C ASP A 289 12.67 4.55 -20.23
N GLN A 290 12.62 4.69 -18.91
CA GLN A 290 13.75 4.43 -17.99
C GLN A 290 13.81 2.96 -17.50
N LEU A 291 12.82 2.15 -17.89
CA LEU A 291 12.74 0.77 -17.42
C LEU A 291 13.95 -0.09 -17.85
N PRO A 292 14.40 0.00 -19.12
CA PRO A 292 15.56 -0.87 -19.41
C PRO A 292 16.78 -0.54 -18.55
N ASP A 293 17.08 0.73 -18.33
CA ASP A 293 18.26 1.08 -17.50
C ASP A 293 18.03 0.57 -16.07
N ALA A 294 16.78 0.65 -15.58
CA ALA A 294 16.51 0.20 -14.20
C ALA A 294 16.75 -1.30 -14.08
N CYS A 295 16.28 -2.06 -15.07
CA CYS A 295 16.46 -3.51 -15.07
C CYS A 295 17.93 -3.89 -15.18
N ARG A 296 18.64 -3.29 -16.13
CA ARG A 296 20.07 -3.56 -16.24
C ARG A 296 20.82 -3.24 -14.93
N SER A 297 20.41 -2.18 -14.22
CA SER A 297 21.13 -1.79 -13.01
C SER A 297 21.07 -2.87 -11.92
N MET A 298 20.04 -3.74 -11.99
CA MET A 298 19.91 -4.84 -11.03
C MET A 298 20.40 -6.18 -11.58
N SER A 299 20.92 -6.16 -12.82
CA SER A 299 21.37 -7.37 -13.49
C SER A 299 20.30 -8.46 -13.49
N LEU A 300 19.05 -8.10 -13.83
CA LEU A 300 18.01 -9.10 -14.00
C LEU A 300 18.42 -10.16 -15.03
N ASP A 301 18.02 -11.41 -14.82
CA ASP A 301 18.20 -12.41 -15.88
C ASP A 301 17.07 -12.24 -16.93
N PRO A 302 17.16 -12.95 -18.08
CA PRO A 302 16.16 -12.75 -19.15
C PRO A 302 14.72 -13.03 -18.73
N ALA A 303 14.47 -14.05 -17.89
CA ALA A 303 13.09 -14.35 -17.47
C ALA A 303 12.54 -13.25 -16.57
N GLN A 304 13.42 -12.70 -15.71
CA GLN A 304 13.04 -11.64 -14.80
C GLN A 304 12.78 -10.37 -15.58
N ARG A 305 13.64 -10.12 -16.55
CA ARG A 305 13.44 -8.97 -17.43
C ARG A 305 12.11 -9.05 -18.21
N LEU A 306 11.80 -10.22 -18.73
CA LEU A 306 10.54 -10.41 -19.45
C LEU A 306 9.33 -10.19 -18.52
N ALA A 307 9.41 -10.70 -17.28
CA ALA A 307 8.33 -10.46 -16.33
C ALA A 307 8.15 -8.98 -16.05
N ALA A 308 9.27 -8.28 -15.87
CA ALA A 308 9.23 -6.84 -15.61
C ALA A 308 8.52 -6.12 -16.76
N GLU A 309 8.84 -6.49 -18.00
CA GLU A 309 8.21 -5.87 -19.16
C GLU A 309 6.71 -6.21 -19.24
N ARG A 310 6.37 -7.48 -19.00
CA ARG A 310 4.94 -7.88 -19.04
C ARG A 310 4.12 -7.12 -17.99
N TYR A 311 4.70 -6.91 -16.82
CA TYR A 311 4.03 -6.14 -15.78
C TYR A 311 3.85 -4.68 -16.14
N ALA A 312 4.93 -4.00 -16.55
CA ALA A 312 4.87 -2.61 -16.95
C ALA A 312 3.93 -2.40 -18.17
N ASP A 313 4.07 -3.27 -19.16
CA ASP A 313 3.21 -3.20 -20.35
C ASP A 313 1.76 -3.47 -20.02
N GLY A 314 1.51 -4.37 -19.05
CA GLY A 314 0.16 -4.66 -18.62
C GLY A 314 -0.50 -3.43 -18.01
N MET A 315 0.23 -2.71 -17.16
CA MET A 315 -0.31 -1.50 -16.57
C MET A 315 -0.56 -0.43 -17.68
N ALA A 316 0.39 -0.30 -18.62
CA ALA A 316 0.27 0.67 -19.74
C ALA A 316 -0.97 0.35 -20.60
N LEU A 317 -1.13 -0.92 -20.99
CA LEU A 317 -2.30 -1.30 -21.83
C LEU A 317 -3.62 -1.18 -21.07
N TRP A 318 -3.58 -1.43 -19.75
CA TRP A 318 -4.76 -1.22 -18.88
C TRP A 318 -5.20 0.24 -19.00
N LEU A 319 -4.25 1.13 -18.78
CA LEU A 319 -4.52 2.57 -18.82
CA LEU A 319 -4.56 2.54 -18.79
C LEU A 319 -5.09 3.02 -20.16
N ALA A 320 -4.38 2.66 -21.25
CA ALA A 320 -4.82 3.09 -22.57
C ALA A 320 -6.21 2.57 -22.87
N GLY A 321 -6.47 1.29 -22.55
CA GLY A 321 -7.79 0.69 -22.80
C GLY A 321 -8.87 1.35 -21.97
N TYR A 322 -8.59 1.54 -20.69
CA TYR A 322 -9.53 2.21 -19.79
C TYR A 322 -9.93 3.58 -20.34
N LEU A 323 -8.94 4.36 -20.76
CA LEU A 323 -9.22 5.70 -21.27
C LEU A 323 -10.09 5.65 -22.55
N HIS A 324 -9.88 4.65 -23.41
CA HIS A 324 -10.70 4.51 -24.60
C HIS A 324 -12.14 4.17 -24.20
N TRP A 325 -12.29 3.21 -23.27
CA TRP A 325 -13.63 2.83 -22.81
C TRP A 325 -14.35 4.02 -22.20
N GLU A 326 -13.63 4.79 -21.39
CA GLU A 326 -14.21 5.90 -20.65
C GLU A 326 -14.76 6.98 -21.59
N SER A 327 -14.11 7.19 -22.72
CA SER A 327 -14.54 8.26 -23.60
C SER A 327 -15.71 7.83 -24.49
N HIS A 328 -16.02 6.53 -24.50
CA HIS A 328 -17.09 5.98 -25.34
C HIS A 328 -18.20 5.33 -24.52
N THR A 329 -17.94 5.11 -23.23
CA THR A 329 -18.91 4.61 -22.25
C THR A 329 -19.31 3.16 -22.47
N SER B 25 14.46 20.86 17.36
CA SER B 25 13.57 19.75 17.73
C SER B 25 12.24 19.83 16.98
N LEU B 26 11.71 18.66 16.60
CA LEU B 26 10.43 18.59 15.92
C LEU B 26 9.33 18.76 16.95
N GLU B 27 8.41 19.70 16.73
CA GLU B 27 7.44 20.03 17.77
C GLU B 27 6.15 19.24 17.77
N LEU B 28 5.82 18.68 18.94
CA LEU B 28 4.55 17.97 19.16
C LEU B 28 3.84 18.49 20.40
N PRO B 29 2.50 18.38 20.45
CA PRO B 29 1.75 18.90 21.61
C PRO B 29 1.70 17.94 22.79
N PHE B 30 2.38 16.81 22.68
CA PHE B 30 2.43 15.82 23.75
C PHE B 30 3.88 15.40 23.86
N THR B 31 4.27 14.85 25.01
CA THR B 31 5.64 14.41 25.18
C THR B 31 5.79 12.91 25.01
N HIS B 32 7.02 12.47 24.85
CA HIS B 32 7.33 11.05 24.80
C HIS B 32 7.09 10.39 26.15
N ARG B 33 6.94 9.06 26.12
CA ARG B 33 6.98 8.28 27.34
C ARG B 33 8.09 7.23 27.24
N ARG B 34 8.47 6.69 28.40
CA ARG B 34 9.56 5.71 28.51
C ARG B 34 9.06 4.44 29.20
N ASN B 35 9.37 3.30 28.63
CA ASN B 35 8.99 2.02 29.22
C ASN B 35 9.71 1.74 30.53
N PRO B 36 8.94 1.42 31.60
CA PRO B 36 9.54 1.13 32.90
C PRO B 36 10.33 -0.19 32.94
N HIS B 37 10.23 -0.97 31.88
CA HIS B 37 10.86 -2.28 31.83
C HIS B 37 12.18 -2.27 31.05
N GLN B 38 12.67 -1.07 30.75
CA GLN B 38 13.91 -0.92 29.98
C GLN B 38 15.10 -1.80 30.42
N THR B 39 15.44 -1.83 31.71
CA THR B 39 16.58 -2.61 32.20
CA THR B 39 16.61 -2.59 32.13
C THR B 39 16.40 -4.10 31.95
N GLU B 40 15.26 -4.63 32.36
CA GLU B 40 14.97 -6.06 32.15
C GLU B 40 15.01 -6.39 30.64
N ALA B 41 14.35 -5.59 29.81
CA ALA B 41 14.37 -5.84 28.36
C ALA B 41 15.79 -5.79 27.78
N ALA B 42 16.61 -4.88 28.30
CA ALA B 42 17.97 -4.75 27.80
C ALA B 42 18.78 -6.00 28.13
N ASP B 43 18.56 -6.57 29.30
CA ASP B 43 19.23 -7.81 29.63
C ASP B 43 18.77 -8.96 28.73
N ARG B 44 17.46 -9.03 28.45
CA ARG B 44 16.95 -10.06 27.56
C ARG B 44 17.52 -9.86 26.12
N HIS B 45 17.68 -8.60 25.73
CA HIS B 45 18.21 -8.28 24.41
C HIS B 45 19.69 -8.72 24.31
N LEU B 46 20.45 -8.58 25.41
CA LEU B 46 21.86 -8.97 25.41
C LEU B 46 21.93 -10.50 25.24
N GLU B 47 20.99 -11.22 25.86
CA GLU B 47 20.93 -12.67 25.67
C GLU B 47 20.65 -13.05 24.24
N TRP B 48 19.72 -12.36 23.58
CA TRP B 48 19.50 -12.57 22.16
C TRP B 48 20.78 -12.34 21.32
N LEU B 49 21.53 -11.27 21.61
CA LEU B 49 22.73 -10.98 20.84
C LEU B 49 23.76 -12.07 21.04
N GLN B 50 23.80 -12.61 22.27
CA GLN B 50 24.69 -13.74 22.56
C GLN B 50 24.33 -14.96 21.71
N ARG B 51 23.03 -15.22 21.56
CA ARG B 51 22.54 -16.34 20.77
C ARG B 51 22.80 -16.15 19.27
N HIS B 52 22.83 -14.89 18.82
CA HIS B 52 23.03 -14.59 17.41
C HIS B 52 24.34 -13.86 17.26
N ARG B 53 25.35 -14.46 17.87
CA ARG B 53 26.69 -13.89 17.90
C ARG B 53 27.28 -13.55 16.52
N GLU B 54 27.08 -14.42 15.53
CA GLU B 54 27.73 -14.22 14.23
C GLU B 54 27.13 -12.98 13.55
N LEU B 55 25.83 -12.81 13.68
CA LEU B 55 25.20 -11.61 13.18
C LEU B 55 25.68 -10.37 13.97
N ALA B 56 25.73 -10.51 15.29
CA ALA B 56 26.06 -9.39 16.17
C ALA B 56 27.50 -8.97 16.02
N ALA B 57 28.36 -9.93 15.69
CA ALA B 57 29.82 -9.73 15.63
C ALA B 57 30.24 -8.98 14.39
N VAL B 58 29.26 -8.63 13.56
CA VAL B 58 29.53 -8.02 12.26
C VAL B 58 30.00 -6.59 12.46
N VAL B 59 29.63 -6.01 13.59
CA VAL B 59 30.04 -4.66 13.92
C VAL B 59 30.75 -4.64 15.28
N SER B 60 31.51 -3.59 15.55
CA SER B 60 32.21 -3.43 16.84
C SER B 60 31.22 -3.28 18.01
N GLY B 61 31.70 -3.54 19.22
CA GLY B 61 30.88 -3.37 20.41
C GLY B 61 30.53 -1.92 20.76
N SER B 62 31.47 -1.02 20.49
CA SER B 62 31.24 0.41 20.73
C SER B 62 30.24 0.99 19.73
N THR B 63 30.32 0.53 18.48
CA THR B 63 29.41 0.98 17.43
C THR B 63 27.97 0.59 17.75
N TYR B 64 27.78 -0.68 18.14
CA TYR B 64 26.45 -1.19 18.47
C TYR B 64 25.85 -0.47 19.68
N THR B 65 26.60 -0.40 20.77
CA THR B 65 26.09 0.27 21.96
C THR B 65 25.97 1.79 21.74
N GLY B 66 26.67 2.32 20.73
CA GLY B 66 26.51 3.71 20.36
C GLY B 66 25.18 4.00 19.68
N TRP B 67 24.46 2.94 19.34
CA TRP B 67 23.13 3.07 18.74
C TRP B 67 22.01 3.18 19.80
N ASP B 68 22.34 3.05 21.10
CA ASP B 68 21.57 2.17 21.98
C ASP B 68 20.14 1.86 21.58
N ILE B 69 20.03 0.58 21.31
CA ILE B 69 18.91 -0.03 20.67
C ILE B 69 17.77 -0.16 21.67
N THR B 70 18.07 -0.57 22.88
CA THR B 70 17.01 -0.78 23.85
CA THR B 70 16.99 -0.79 23.83
C THR B 70 16.42 0.56 24.31
N GLU B 71 17.26 1.60 24.31
CA GLU B 71 16.77 2.95 24.62
C GLU B 71 15.71 3.35 23.59
N LEU B 72 16.03 3.10 22.33
CA LEU B 72 15.07 3.41 21.26
C LEU B 72 13.77 2.64 21.48
N ALA B 73 13.90 1.33 21.73
CA ALA B 73 12.71 0.49 21.85
C ALA B 73 11.84 0.96 23.00
N SER B 74 12.48 1.29 24.12
CA SER B 74 11.77 1.75 25.31
C SER B 74 10.97 3.01 25.10
N LEU B 75 11.48 3.90 24.23
CA LEU B 75 10.84 5.17 23.93
C LEU B 75 9.72 5.06 22.88
N VAL B 76 9.83 4.11 21.95
CA VAL B 76 8.83 4.07 20.85
C VAL B 76 7.68 3.06 21.14
N TYR B 77 7.92 2.10 22.05
CA TYR B 77 6.84 1.21 22.53
C TYR B 77 6.78 1.23 24.07
N PRO B 78 6.43 2.38 24.64
CA PRO B 78 6.63 2.59 26.08
C PRO B 78 5.56 1.89 26.94
N GLU B 79 4.51 1.35 26.32
CA GLU B 79 3.45 0.67 27.07
C GLU B 79 3.51 -0.88 27.00
N SER B 80 4.54 -1.41 26.34
CA SER B 80 4.68 -2.88 26.23
C SER B 80 5.19 -3.54 27.52
N SER B 81 4.83 -4.80 27.69
CA SER B 81 5.39 -5.60 28.78
C SER B 81 6.87 -5.79 28.59
N ALA B 82 7.54 -6.30 29.63
CA ALA B 82 8.98 -6.55 29.52
C ALA B 82 9.32 -7.50 28.38
N GLU B 83 8.52 -8.55 28.26
CA GLU B 83 8.76 -9.59 27.26
C GLU B 83 8.61 -9.00 25.85
N ASP B 84 7.59 -8.16 25.68
CA ASP B 84 7.31 -7.57 24.38
C ASP B 84 8.30 -6.45 24.06
N LEU B 85 8.75 -5.71 25.08
CA LEU B 85 9.80 -4.72 24.87
C LEU B 85 11.10 -5.39 24.41
N ALA B 86 11.41 -6.57 24.94
CA ALA B 86 12.59 -7.34 24.51
C ALA B 86 12.47 -7.72 23.02
N LEU B 87 11.26 -8.12 22.61
CA LEU B 87 11.03 -8.44 21.19
C LEU B 87 11.26 -7.17 20.34
N ALA B 88 10.77 -6.02 20.80
CA ALA B 88 11.02 -4.77 20.06
C ALA B 88 12.50 -4.40 19.98
N ALA B 89 13.25 -4.64 21.07
CA ALA B 89 14.69 -4.39 21.01
C ALA B 89 15.40 -5.34 20.06
N ASP B 90 15.03 -6.63 20.12
CA ASP B 90 15.64 -7.63 19.25
C ASP B 90 15.36 -7.28 17.79
N LEU B 91 14.13 -6.84 17.51
CA LEU B 91 13.73 -6.42 16.14
C LEU B 91 14.53 -5.21 15.69
N MET B 92 14.60 -4.17 16.51
CA MET B 92 15.38 -2.98 16.12
C MET B 92 16.87 -3.28 15.92
N GLY B 93 17.42 -4.12 16.80
CA GLY B 93 18.80 -4.60 16.66
C GLY B 93 18.97 -5.33 15.33
N PHE B 94 18.02 -6.18 14.98
CA PHE B 94 18.09 -6.89 13.70
C PHE B 94 18.14 -5.92 12.51
N TYR B 95 17.30 -4.89 12.53
CA TYR B 95 17.30 -3.98 11.39
C TYR B 95 18.71 -3.39 11.20
N PHE B 96 19.33 -2.95 12.29
CA PHE B 96 20.66 -2.32 12.18
C PHE B 96 21.71 -3.32 11.74
N LEU B 97 21.69 -4.52 12.32
CA LEU B 97 22.72 -5.51 11.99
C LEU B 97 22.56 -6.08 10.56
N PHE B 98 21.31 -6.32 10.15
CA PHE B 98 21.02 -6.88 8.85
C PHE B 98 21.50 -5.92 7.78
N ASP B 99 21.17 -4.64 7.97
CA ASP B 99 21.47 -3.63 6.97
C ASP B 99 22.95 -3.33 6.90
N ASP B 100 23.68 -3.60 7.98
CA ASP B 100 25.11 -3.37 7.97
C ASP B 100 25.85 -4.18 6.90
N GLN B 101 25.33 -5.35 6.56
CA GLN B 101 26.06 -6.18 5.61
C GLN B 101 26.07 -5.56 4.20
N PHE B 102 25.13 -4.66 3.92
CA PHE B 102 25.07 -4.02 2.60
C PHE B 102 25.86 -2.70 2.56
N ASP B 103 26.30 -2.29 3.74
CA ASP B 103 27.09 -1.09 3.92
C ASP B 103 28.57 -1.31 3.65
N SER B 104 28.89 -2.06 2.60
CA SER B 104 30.29 -2.23 2.18
C SER B 104 30.81 -0.95 1.53
N PRO B 105 32.15 -0.82 1.43
CA PRO B 105 32.72 0.40 0.84
C PRO B 105 32.19 0.75 -0.57
N LEU B 106 32.07 -0.24 -1.43
CA LEU B 106 31.61 0.02 -2.80
C LEU B 106 30.19 -0.50 -3.08
N GLY B 107 29.51 -1.08 -2.10
CA GLY B 107 28.17 -1.64 -2.36
C GLY B 107 28.22 -3.07 -2.86
N ARG B 108 27.18 -3.84 -2.56
CA ARG B 108 27.13 -5.23 -2.97
CA ARG B 108 27.08 -5.23 -2.96
C ARG B 108 26.45 -5.34 -4.34
N ARG B 109 26.78 -6.38 -5.09
CA ARG B 109 26.15 -6.57 -6.44
C ARG B 109 24.63 -6.69 -6.21
N PRO B 110 23.84 -5.90 -6.95
CA PRO B 110 22.37 -5.94 -6.69
C PRO B 110 21.76 -7.34 -6.85
N GLU B 111 22.29 -8.15 -7.76
CA GLU B 111 21.66 -9.43 -7.98
C GLU B 111 22.00 -10.40 -6.82
N GLN B 112 23.15 -10.17 -6.16
CA GLN B 112 23.47 -10.94 -4.96
C GLN B 112 22.58 -10.50 -3.80
N VAL B 113 22.37 -9.20 -3.66
CA VAL B 113 21.42 -8.70 -2.65
C VAL B 113 20.02 -9.30 -2.90
N ALA B 114 19.66 -9.41 -4.18
CA ALA B 114 18.33 -9.94 -4.53
C ALA B 114 18.15 -11.38 -4.07
N LEU B 115 19.19 -12.20 -4.25
CA LEU B 115 19.16 -13.59 -3.78
C LEU B 115 18.97 -13.67 -2.23
N ILE B 116 19.77 -12.90 -1.53
CA ILE B 116 19.72 -12.83 -0.06
C ILE B 116 18.30 -12.44 0.39
N CYS B 117 17.78 -11.41 -0.25
CA CYS B 117 16.51 -10.85 0.22
C CYS B 117 15.31 -11.70 -0.18
N GLU B 118 15.41 -12.42 -1.30
CA GLU B 118 14.34 -13.33 -1.69
C GLU B 118 14.20 -14.49 -0.68
N ARG B 119 15.34 -14.98 -0.18
CA ARG B 119 15.33 -16.04 0.83
C ARG B 119 14.70 -15.54 2.14
N LEU B 120 14.95 -14.30 2.51
CA LEU B 120 14.37 -13.76 3.75
CA LEU B 120 14.36 -13.75 3.74
C LEU B 120 12.85 -13.57 3.58
N SER B 121 12.41 -13.08 2.43
CA SER B 121 10.94 -12.97 2.23
C SER B 121 10.28 -14.35 2.30
N ALA B 122 10.98 -15.35 1.79
CA ALA B 122 10.47 -16.73 1.81
C ALA B 122 10.22 -17.22 3.24
N ILE B 123 11.04 -16.79 4.19
CA ILE B 123 10.83 -17.13 5.60
C ILE B 123 9.51 -16.53 6.11
N ALA B 124 9.28 -15.26 5.77
CA ALA B 124 8.08 -14.54 6.20
C ALA B 124 6.81 -15.23 5.65
N HIS B 125 6.92 -15.83 4.46
CA HIS B 125 5.79 -16.50 3.81
C HIS B 125 5.80 -18.01 4.06
N GLY B 126 6.73 -18.47 4.90
CA GLY B 126 6.75 -19.89 5.26
C GLY B 126 7.26 -20.85 4.20
N THR B 127 8.03 -20.34 3.22
CA THR B 127 8.48 -21.17 2.08
C THR B 127 10.00 -21.40 2.02
N LEU B 128 10.76 -20.93 3.01
CA LEU B 128 12.20 -21.15 2.91
C LEU B 128 12.52 -22.55 3.40
N THR B 129 13.28 -23.25 2.57
CA THR B 129 13.66 -24.63 2.80
C THR B 129 14.42 -24.72 4.10
N ALA B 130 15.59 -24.10 4.12
CA ALA B 130 16.43 -24.21 5.30
C ALA B 130 17.01 -22.86 5.67
N VAL B 131 16.87 -22.54 6.94
CA VAL B 131 17.44 -21.34 7.48
C VAL B 131 18.96 -21.54 7.67
N THR B 132 19.79 -20.79 6.91
CA THR B 132 21.24 -21.08 6.95
C THR B 132 22.16 -19.95 7.47
N SER B 133 22.00 -18.74 6.97
CA SER B 133 22.86 -17.61 7.28
C SER B 133 22.54 -17.02 8.64
N PRO B 134 23.45 -16.20 9.16
CA PRO B 134 23.16 -15.52 10.44
C PRO B 134 21.89 -14.65 10.36
N SER B 135 21.72 -13.91 9.27
CA SER B 135 20.50 -13.09 9.13
C SER B 135 19.25 -13.95 9.10
N GLU B 136 19.33 -15.09 8.40
CA GLU B 136 18.18 -15.98 8.30
C GLU B 136 17.79 -16.60 9.65
N ARG B 137 18.78 -17.04 10.41
CA ARG B 137 18.54 -17.61 11.72
CA ARG B 137 18.52 -17.61 11.72
C ARG B 137 17.90 -16.57 12.64
N ALA B 138 18.38 -15.32 12.56
CA ALA B 138 17.86 -14.27 13.43
C ALA B 138 16.44 -13.92 13.01
N PHE B 139 16.22 -13.74 11.71
CA PHE B 139 14.88 -13.40 11.26
C PHE B 139 13.86 -14.51 11.50
N ALA B 140 14.25 -15.78 11.34
CA ALA B 140 13.29 -16.85 11.63
C ALA B 140 12.84 -16.83 13.09
N ASP B 141 13.77 -16.58 14.01
CA ASP B 141 13.41 -16.38 15.40
C ASP B 141 12.42 -15.25 15.60
N LEU B 142 12.73 -14.10 15.00
CA LEU B 142 11.94 -12.90 15.21
C LEU B 142 10.56 -13.11 14.62
N TRP B 143 10.52 -13.62 13.37
CA TRP B 143 9.21 -13.85 12.70
C TRP B 143 8.30 -14.85 13.49
N ARG B 144 8.88 -15.91 14.06
CA ARG B 144 8.08 -16.83 14.87
C ARG B 144 7.50 -16.10 16.08
N ARG B 145 8.33 -15.31 16.73
CA ARG B 145 7.86 -14.55 17.90
C ARG B 145 6.79 -13.48 17.51
N ILE B 146 7.00 -12.81 16.38
CA ILE B 146 6.05 -11.79 15.93
C ILE B 146 4.68 -12.37 15.58
N THR B 147 4.65 -13.56 14.98
CA THR B 147 3.37 -14.14 14.55
C THR B 147 2.57 -14.81 15.68
N LEU B 148 3.23 -15.19 16.78
CA LEU B 148 2.51 -15.83 17.87
C LEU B 148 1.37 -14.94 18.38
N GLY B 149 0.18 -15.52 18.54
CA GLY B 149 -0.97 -14.78 19.05
C GLY B 149 -1.74 -13.94 18.04
N MET B 150 -1.21 -13.78 16.83
N MET B 150 -1.21 -13.82 16.82
CA MET B 150 -1.91 -12.95 15.84
CA MET B 150 -1.86 -12.99 15.79
C MET B 150 -2.64 -13.80 14.81
C MET B 150 -2.66 -13.84 14.82
N THR B 151 -3.73 -13.27 14.26
CA THR B 151 -4.55 -14.01 13.28
C THR B 151 -3.75 -14.22 11.99
N ASP B 152 -4.10 -15.27 11.25
CA ASP B 152 -3.48 -15.48 9.94
C ASP B 152 -3.76 -14.28 9.03
N ARG B 153 -4.91 -13.66 9.21
CA ARG B 153 -5.27 -12.46 8.43
C ARG B 153 -4.33 -11.24 8.67
N TRP B 154 -3.99 -11.00 9.94
CA TRP B 154 -2.97 -10.04 10.29
C TRP B 154 -1.64 -10.48 9.72
N ARG B 155 -1.32 -11.78 9.84
CA ARG B 155 -0.02 -12.24 9.37
CA ARG B 155 -0.02 -12.25 9.34
C ARG B 155 0.17 -12.02 7.86
N ALA B 156 -0.91 -12.08 7.09
CA ALA B 156 -0.79 -11.85 5.65
C ALA B 156 -0.25 -10.45 5.38
N ARG B 157 -0.80 -9.43 6.05
CA ARG B 157 -0.31 -8.06 5.82
C ARG B 157 1.09 -7.93 6.37
N ALA B 158 1.31 -8.46 7.59
CA ALA B 158 2.66 -8.33 8.18
C ALA B 158 3.73 -8.98 7.29
N ALA B 159 3.43 -10.15 6.73
CA ALA B 159 4.37 -10.82 5.82
C ALA B 159 4.64 -9.99 4.57
N CYS B 160 3.57 -9.44 3.99
CA CYS B 160 3.74 -8.59 2.84
C CYS B 160 4.55 -7.36 3.10
N ASN B 161 4.49 -6.83 4.33
CA ASN B 161 5.26 -5.65 4.65
C ASN B 161 6.74 -6.00 4.91
N TRP B 162 7.01 -7.19 5.44
CA TRP B 162 8.42 -7.66 5.51
C TRP B 162 8.97 -7.85 4.10
N GLU B 163 8.13 -8.43 3.22
CA GLU B 163 8.51 -8.69 1.83
C GLU B 163 8.87 -7.37 1.11
N TYR B 164 8.07 -6.33 1.33
CA TYR B 164 8.31 -4.95 0.84
C TYR B 164 9.70 -4.43 1.29
N TYR B 165 9.94 -4.51 2.61
CA TYR B 165 11.25 -4.12 3.16
C TYR B 165 12.44 -4.85 2.49
N PHE B 166 12.38 -6.17 2.48
CA PHE B 166 13.50 -6.96 1.92
C PHE B 166 13.64 -6.67 0.42
N ALA B 167 12.50 -6.58 -0.26
CA ALA B 167 12.52 -6.45 -1.72
C ALA B 167 13.06 -5.11 -2.25
N CYS B 168 13.09 -4.07 -1.42
CA CYS B 168 13.64 -2.77 -1.79
C CYS B 168 15.16 -2.73 -1.78
N HIS B 169 15.80 -3.73 -1.18
CA HIS B 169 17.27 -3.63 -1.01
C HIS B 169 18.08 -3.74 -2.31
N PRO B 170 17.69 -4.62 -3.26
CA PRO B 170 18.45 -4.58 -4.54
C PRO B 170 18.45 -3.21 -5.21
N ALA B 171 17.29 -2.52 -5.25
CA ALA B 171 17.25 -1.15 -5.79
C ALA B 171 18.17 -0.19 -5.03
N GLU B 172 18.19 -0.30 -3.70
CA GLU B 172 19.06 0.52 -2.88
C GLU B 172 20.52 0.24 -3.26
N ALA B 173 20.86 -1.03 -3.42
CA ALA B 173 22.27 -1.36 -3.78
C ALA B 173 22.65 -0.81 -5.16
N ALA B 174 21.71 -0.90 -6.09
CA ALA B 174 21.97 -0.33 -7.43
C ALA B 174 22.20 1.18 -7.35
N GLY B 175 21.45 1.84 -6.46
CA GLY B 175 21.57 3.27 -6.31
C GLY B 175 22.94 3.74 -5.85
N ARG B 176 23.67 2.87 -5.17
CA ARG B 176 25.00 3.21 -4.66
CA ARG B 176 24.98 3.26 -4.68
C ARG B 176 25.99 3.43 -5.79
N THR B 177 25.67 2.93 -6.97
CA THR B 177 26.62 2.99 -8.08
C THR B 177 26.42 4.28 -8.90
N ILE B 178 25.48 5.12 -8.47
CA ILE B 178 24.98 6.26 -9.24
C ILE B 178 24.24 5.76 -10.48
N PRO B 181 22.95 12.55 -7.13
CA PRO B 181 21.73 12.49 -6.30
C PRO B 181 20.55 12.00 -7.13
N PRO B 182 19.80 11.03 -6.59
CA PRO B 182 18.64 10.50 -7.31
C PRO B 182 17.50 11.53 -7.46
N ASP B 183 16.54 11.13 -8.25
CA ASP B 183 15.27 11.81 -8.39
C ASP B 183 14.48 11.87 -7.04
N ARG B 184 13.79 12.97 -6.72
CA ARG B 184 13.13 13.10 -5.41
C ARG B 184 12.02 12.06 -5.17
N GLU B 185 11.12 11.93 -6.14
CA GLU B 185 10.00 11.01 -6.00
C GLU B 185 10.50 9.59 -5.91
N GLY B 186 11.53 9.28 -6.67
CA GLY B 186 12.04 7.93 -6.65
C GLY B 186 12.76 7.64 -5.34
N TYR B 187 13.50 8.65 -4.85
CA TYR B 187 14.17 8.52 -3.56
C TYR B 187 13.13 8.27 -2.44
N LEU B 188 12.07 9.07 -2.38
CA LEU B 188 11.12 8.89 -1.27
C LEU B 188 10.35 7.57 -1.42
N THR B 189 10.07 7.15 -2.66
CA THR B 189 9.46 5.83 -2.86
C THR B 189 10.35 4.70 -2.33
N LEU B 190 11.64 4.80 -2.59
CA LEU B 190 12.58 3.79 -2.06
C LEU B 190 12.69 3.83 -0.55
N ARG B 191 12.82 5.04 -0.01
CA ARG B 191 13.07 5.22 1.45
C ARG B 191 11.86 4.70 2.26
N ARG B 192 10.65 4.86 1.73
CA ARG B 192 9.49 4.34 2.48
C ARG B 192 9.60 2.83 2.72
N GLY B 193 10.23 2.12 1.77
CA GLY B 193 10.43 0.69 1.88
C GLY B 193 11.60 0.37 2.81
N THR B 194 12.75 1.00 2.56
CA THR B 194 13.91 0.64 3.37
C THR B 194 13.82 1.08 4.84
N ALA B 195 12.95 2.05 5.13
CA ALA B 195 12.80 2.51 6.53
C ALA B 195 12.02 1.54 7.39
N ALA B 196 11.29 0.61 6.76
CA ALA B 196 10.54 -0.47 7.46
C ALA B 196 9.44 0.06 8.37
N MET B 197 8.99 1.30 8.15
CA MET B 197 7.96 1.86 9.04
C MET B 197 6.65 1.07 8.97
N GLU B 198 6.34 0.44 7.85
CA GLU B 198 5.07 -0.33 7.80
C GLU B 198 5.13 -1.50 8.75
N SER B 199 6.27 -2.21 8.82
CA SER B 199 6.37 -3.32 9.80
C SER B 199 6.46 -2.77 11.22
N ILE B 200 7.14 -1.64 11.37
CA ILE B 200 7.28 -1.06 12.71
C ILE B 200 5.88 -0.66 13.25
N PHE B 201 4.99 -0.19 12.39
CA PHE B 201 3.62 0.10 12.87
C PHE B 201 2.75 -1.14 12.95
N ASP B 202 3.02 -2.18 12.15
CA ASP B 202 2.37 -3.49 12.37
C ASP B 202 2.59 -3.94 13.82
N MET B 203 3.79 -3.65 14.33
CA MET B 203 4.13 -4.09 15.69
CA MET B 203 4.13 -4.13 15.69
C MET B 203 3.33 -3.42 16.78
N ILE B 204 2.71 -2.26 16.50
CA ILE B 204 1.83 -1.66 17.52
C ILE B 204 0.74 -2.68 17.93
N GLU B 205 0.16 -3.36 16.93
CA GLU B 205 -0.83 -4.42 17.21
C GLU B 205 -0.23 -5.65 17.96
N ARG B 206 0.89 -6.19 17.46
CA ARG B 206 1.46 -7.37 18.07
C ARG B 206 1.94 -7.09 19.53
N LEU B 207 2.61 -5.96 19.73
CA LEU B 207 3.13 -5.65 21.09
C LEU B 207 2.02 -5.18 22.07
N GLY B 208 0.90 -4.71 21.51
CA GLY B 208 -0.28 -4.35 22.27
C GLY B 208 -1.32 -5.45 22.42
N HIS B 209 -1.12 -6.57 21.76
CA HIS B 209 -2.05 -7.71 21.79
C HIS B 209 -3.48 -7.33 21.40
N PHE B 210 -3.58 -6.63 20.27
CA PHE B 210 -4.91 -6.31 19.72
C PHE B 210 -4.80 -6.17 18.21
N GLU B 211 -5.93 -6.28 17.51
CA GLU B 211 -5.93 -6.08 16.05
C GLU B 211 -6.99 -5.02 15.76
N VAL B 212 -6.65 -4.05 14.91
CA VAL B 212 -7.61 -2.98 14.75
CA VAL B 212 -7.51 -2.90 14.58
C VAL B 212 -8.65 -3.35 13.69
N PRO B 213 -9.91 -2.91 13.98
CA PRO B 213 -11.02 -3.21 13.06
C PRO B 213 -10.69 -2.77 11.63
N GLN B 214 -11.03 -3.56 10.63
CA GLN B 214 -10.58 -3.17 9.27
C GLN B 214 -11.08 -1.78 8.83
N HIS B 215 -12.29 -1.38 9.22
CA HIS B 215 -12.80 -0.12 8.71
C HIS B 215 -12.35 1.10 9.52
N VAL B 216 -11.57 0.84 10.58
CA VAL B 216 -10.75 1.84 11.23
C VAL B 216 -9.38 1.93 10.52
N MET B 217 -8.72 0.78 10.39
CA MET B 217 -7.39 0.74 9.76
CA MET B 217 -7.43 0.69 9.70
C MET B 217 -7.44 1.43 8.38
N HIS B 218 -8.49 1.18 7.60
CA HIS B 218 -8.53 1.74 6.24
C HIS B 218 -9.41 3.00 6.07
N HIS B 219 -9.94 3.53 7.17
CA HIS B 219 -10.56 4.85 7.11
C HIS B 219 -9.53 5.90 6.68
N PRO B 220 -9.89 6.85 5.80
CA PRO B 220 -8.88 7.77 5.24
C PRO B 220 -8.20 8.63 6.30
N LEU B 221 -8.84 8.90 7.43
CA LEU B 221 -8.17 9.60 8.52
CA LEU B 221 -8.13 9.63 8.48
C LEU B 221 -6.98 8.79 9.03
N PHE B 222 -7.23 7.50 9.25
CA PHE B 222 -6.23 6.62 9.88
C PHE B 222 -5.14 6.27 8.88
N ARG B 223 -5.49 6.14 7.60
CA ARG B 223 -4.48 5.86 6.60
CA ARG B 223 -4.46 5.85 6.63
C ARG B 223 -3.52 7.04 6.49
N GLN B 224 -4.04 8.26 6.58
CA GLN B 224 -3.18 9.46 6.56
C GLN B 224 -2.36 9.55 7.84
N LEU B 225 -2.96 9.30 9.02
CA LEU B 225 -2.15 9.27 10.25
C LEU B 225 -0.92 8.35 10.06
N ARG B 226 -1.16 7.16 9.56
CA ARG B 226 -0.09 6.18 9.42
CA ARG B 226 -0.09 6.17 9.41
C ARG B 226 0.99 6.63 8.44
N GLN B 227 0.58 7.16 7.29
CA GLN B 227 1.56 7.59 6.27
C GLN B 227 2.40 8.79 6.76
N LEU B 228 1.75 9.73 7.43
CA LEU B 228 2.42 10.89 7.98
C LEU B 228 3.42 10.47 9.05
N ALA B 229 2.99 9.60 9.97
CA ALA B 229 3.90 9.16 11.01
C ALA B 229 5.05 8.31 10.47
N ALA B 230 4.82 7.60 9.36
CA ALA B 230 5.88 6.83 8.71
C ALA B 230 6.89 7.77 8.03
N ASP B 231 6.39 8.86 7.44
CA ASP B 231 7.31 9.71 6.64
C ASP B 231 8.16 10.65 7.48
N ILE B 232 7.59 11.16 8.56
CA ILE B 232 8.28 12.18 9.39
C ILE B 232 9.69 11.74 9.81
N PRO B 233 9.85 10.49 10.34
CA PRO B 233 11.20 10.13 10.79
C PRO B 233 12.19 10.00 9.65
N SER B 234 11.77 9.65 8.44
CA SER B 234 12.70 9.61 7.31
CA SER B 234 12.73 9.60 7.35
C SER B 234 13.21 11.01 6.99
N PHE B 235 12.33 12.00 7.09
CA PHE B 235 12.71 13.38 6.80
C PHE B 235 13.66 13.91 7.88
N THR B 236 13.32 13.76 9.16
CA THR B 236 14.21 14.28 10.20
C THR B 236 15.56 13.56 10.20
N ASN B 237 15.55 12.26 9.90
CA ASN B 237 16.82 11.50 9.88
C ASN B 237 17.76 11.95 8.75
N ASP B 238 17.18 12.33 7.62
CA ASP B 238 17.98 12.81 6.52
C ASP B 238 18.60 14.18 6.85
N VAL B 239 17.87 15.06 7.54
CA VAL B 239 18.45 16.36 7.90
C VAL B 239 19.56 16.14 8.92
N ARG B 240 19.32 15.23 9.86
CA ARG B 240 20.36 14.99 10.88
C ARG B 240 21.62 14.34 10.30
N SER B 241 21.47 13.45 9.33
CA SER B 241 22.67 12.89 8.73
C SER B 241 23.13 13.72 7.52
N PHE B 242 23.81 14.83 7.78
CA PHE B 242 24.26 15.75 6.72
C PHE B 242 23.09 16.16 5.82
N VAL B 251 25.00 10.46 -1.55
CA VAL B 251 24.19 11.56 -2.04
C VAL B 251 22.70 11.19 -2.05
N ALA B 252 22.41 9.97 -1.58
CA ALA B 252 21.03 9.52 -1.44
C ALA B 252 20.45 10.05 -0.13
N ASN B 253 20.10 11.34 -0.16
CA ASN B 253 19.64 12.08 1.01
C ASN B 253 18.78 13.21 0.52
N LEU B 254 17.61 13.42 1.15
CA LEU B 254 16.62 14.36 0.64
C LEU B 254 17.13 15.81 0.65
N VAL B 255 18.02 16.15 1.58
CA VAL B 255 18.58 17.49 1.60
C VAL B 255 19.40 17.77 0.33
N MET B 256 20.26 16.82 -0.04
CA MET B 256 21.06 16.92 -1.28
C MET B 256 20.18 17.03 -2.52
N ILE B 257 19.10 16.26 -2.54
CA ILE B 257 18.20 16.27 -3.68
C ILE B 257 17.50 17.62 -3.82
N VAL B 258 16.96 18.13 -2.73
CA VAL B 258 16.29 19.44 -2.74
C VAL B 258 17.24 20.56 -3.19
N ARG B 259 18.44 20.56 -2.61
CA ARG B 259 19.43 21.60 -2.90
C ARG B 259 19.77 21.65 -4.39
N ARG B 260 20.01 20.47 -4.97
CA ARG B 260 20.26 20.32 -6.39
C ARG B 260 19.05 20.74 -7.25
N ASP B 261 17.84 20.32 -6.88
CA ASP B 261 16.63 20.63 -7.67
C ASP B 261 16.25 22.11 -7.65
N ARG B 262 16.45 22.78 -6.51
CA ARG B 262 16.06 24.18 -6.35
C ARG B 262 17.22 25.13 -6.68
N CYS B 263 18.40 24.58 -6.90
CA CYS B 263 19.64 25.36 -7.00
C CYS B 263 19.74 26.34 -5.84
N CYS B 264 19.50 25.86 -4.64
CA CYS B 264 19.50 26.72 -3.46
C CYS B 264 20.69 26.46 -2.53
N SER B 265 20.70 27.15 -1.39
CA SER B 265 21.76 26.96 -0.42
C SER B 265 21.47 25.72 0.44
N THR B 266 22.52 25.26 1.14
CA THR B 266 22.41 24.15 2.05
C THR B 266 21.38 24.51 3.12
N ALA B 267 21.48 25.72 3.64
CA ALA B 267 20.57 26.12 4.70
C ALA B 267 19.15 26.16 4.20
N GLU B 268 18.91 26.68 3.00
CA GLU B 268 17.54 26.70 2.45
C GLU B 268 17.00 25.27 2.22
N ALA B 269 17.88 24.36 1.81
CA ALA B 269 17.46 22.98 1.56
C ALA B 269 17.16 22.23 2.85
N CYS B 270 18.01 22.37 3.88
CA CYS B 270 17.65 21.77 5.18
C CYS B 270 16.31 22.29 5.70
N ALA B 271 16.10 23.59 5.56
CA ALA B 271 14.88 24.21 6.03
C ALA B 271 13.66 23.69 5.29
N VAL B 272 13.81 23.46 3.99
CA VAL B 272 12.69 22.94 3.20
C VAL B 272 12.32 21.59 3.76
N VAL B 273 13.33 20.75 4.05
CA VAL B 273 13.06 19.37 4.47
C VAL B 273 12.52 19.37 5.90
N TRP B 274 13.19 20.09 6.79
CA TRP B 274 12.73 20.18 8.18
C TRP B 274 11.32 20.80 8.30
N ASP B 275 11.05 21.86 7.54
CA ASP B 275 9.72 22.46 7.57
C ASP B 275 8.66 21.54 7.02
N GLU B 276 9.00 20.75 6.01
CA GLU B 276 8.04 19.76 5.53
C GLU B 276 7.71 18.71 6.62
N ALA B 277 8.73 18.27 7.34
CA ALA B 277 8.50 17.36 8.44
C ALA B 277 7.58 17.98 9.48
N GLN B 278 7.81 19.24 9.81
CA GLN B 278 6.99 19.92 10.81
C GLN B 278 5.54 20.05 10.31
N ARG B 279 5.36 20.37 9.02
CA ARG B 279 4.02 20.45 8.45
C ARG B 279 3.30 19.11 8.52
N MET B 280 4.00 18.02 8.22
CA MET B 280 3.40 16.69 8.36
CA MET B 280 3.43 16.68 8.37
C MET B 280 3.04 16.38 9.81
N ALA B 281 3.93 16.74 10.77
CA ALA B 281 3.59 16.58 12.19
C ALA B 281 2.37 17.39 12.58
N ASP B 282 2.27 18.62 12.09
CA ASP B 282 1.12 19.47 12.38
C ASP B 282 -0.17 18.84 11.85
N ARG B 283 -0.10 18.29 10.63
CA ARG B 283 -1.27 17.63 10.04
C ARG B 283 -1.66 16.35 10.82
N PHE B 284 -0.66 15.59 11.23
CA PHE B 284 -0.89 14.40 12.04
C PHE B 284 -1.73 14.77 13.26
N CYS B 285 -1.34 15.85 13.94
CA CYS B 285 -2.03 16.25 15.18
C CYS B 285 -3.44 16.80 14.89
N ASP B 286 -3.62 17.51 13.78
CA ASP B 286 -4.96 17.96 13.40
C ASP B 286 -5.89 16.78 13.18
N LEU B 287 -5.37 15.77 12.47
CA LEU B 287 -6.16 14.59 12.18
CA LEU B 287 -6.17 14.58 12.18
C LEU B 287 -6.49 13.80 13.45
N ARG B 288 -5.53 13.76 14.37
CA ARG B 288 -5.75 13.08 15.63
C ARG B 288 -6.87 13.78 16.42
N ASP B 289 -6.96 15.10 16.28
CA ASP B 289 -8.03 15.88 16.93
C ASP B 289 -9.39 15.53 16.34
N GLN B 290 -9.41 15.09 15.08
CA GLN B 290 -10.66 14.75 14.38
C GLN B 290 -11.06 13.28 14.56
N LEU B 291 -10.24 12.52 15.31
CA LEU B 291 -10.52 11.08 15.47
C LEU B 291 -11.89 10.76 16.14
N PRO B 292 -12.24 11.48 17.22
CA PRO B 292 -13.55 11.15 17.83
C PRO B 292 -14.70 11.28 16.82
N ASP B 293 -14.72 12.37 16.06
CA ASP B 293 -15.82 12.59 15.10
C ASP B 293 -15.83 11.50 14.04
N ALA B 294 -14.64 11.07 13.63
CA ALA B 294 -14.55 10.05 12.61
C ALA B 294 -15.09 8.70 13.11
N CYS B 295 -14.78 8.35 14.36
CA CYS B 295 -15.24 7.10 14.95
C CYS B 295 -16.74 7.12 15.14
N ARG B 296 -17.27 8.23 15.65
CA ARG B 296 -18.72 8.38 15.81
C ARG B 296 -19.45 8.30 14.48
N SER B 297 -18.84 8.81 13.42
CA SER B 297 -19.50 8.81 12.09
C SER B 297 -19.78 7.41 11.61
N MET B 298 -18.97 6.46 12.07
CA MET B 298 -19.13 5.06 11.70
C MET B 298 -19.86 4.22 12.74
N SER B 299 -20.30 4.86 13.83
CA SER B 299 -21.02 4.20 14.95
C SER B 299 -20.23 3.00 15.46
N LEU B 300 -18.94 3.21 15.71
CA LEU B 300 -18.12 2.17 16.34
C LEU B 300 -18.69 1.84 17.70
N ASP B 301 -18.58 0.57 18.11
CA ASP B 301 -18.94 0.19 19.47
C ASP B 301 -17.74 0.49 20.40
N PRO B 302 -17.93 0.40 21.74
CA PRO B 302 -16.84 0.81 22.65
C PRO B 302 -15.53 0.04 22.45
N ALA B 303 -15.60 -1.25 22.17
CA ALA B 303 -14.39 -2.03 21.95
C ALA B 303 -13.60 -1.56 20.71
N GLN B 304 -14.34 -1.24 19.65
CA GLN B 304 -13.75 -0.79 18.39
C GLN B 304 -13.17 0.61 18.55
N ARG B 305 -13.88 1.46 19.29
CA ARG B 305 -13.41 2.81 19.58
C ARG B 305 -12.12 2.78 20.39
N LEU B 306 -12.05 1.89 21.37
CA LEU B 306 -10.82 1.74 22.15
C LEU B 306 -9.65 1.26 21.27
N ALA B 307 -9.89 0.26 20.42
CA ALA B 307 -8.84 -0.19 19.51
C ALA B 307 -8.37 0.96 18.60
N ALA B 308 -9.31 1.75 18.07
CA ALA B 308 -8.97 2.93 17.25
C ALA B 308 -8.07 3.90 18.04
N GLU B 309 -8.41 4.18 19.30
CA GLU B 309 -7.58 5.06 20.14
C GLU B 309 -6.21 4.46 20.41
N ARG B 310 -6.16 3.16 20.69
CA ARG B 310 -4.88 2.50 21.01
C ARG B 310 -3.94 2.55 19.80
N TYR B 311 -4.54 2.42 18.62
CA TYR B 311 -3.78 2.46 17.36
C TYR B 311 -3.21 3.85 17.12
N ALA B 312 -4.06 4.87 17.20
CA ALA B 312 -3.64 6.25 16.99
C ALA B 312 -2.64 6.69 18.07
N ASP B 313 -2.89 6.30 19.33
CA ASP B 313 -1.97 6.68 20.41
C ASP B 313 -0.63 5.99 20.25
N GLY B 314 -0.66 4.76 19.75
CA GLY B 314 0.55 3.99 19.49
C GLY B 314 1.41 4.69 18.43
N MET B 315 0.79 5.16 17.35
CA MET B 315 1.59 5.92 16.35
C MET B 315 2.12 7.24 16.93
N ALA B 316 1.28 7.92 17.70
CA ALA B 316 1.67 9.21 18.30
C ALA B 316 2.86 9.03 19.26
N LEU B 317 2.78 8.04 20.15
CA LEU B 317 3.87 7.77 21.09
C LEU B 317 5.14 7.27 20.38
N TRP B 318 4.98 6.53 19.29
CA TRP B 318 6.12 6.09 18.51
C TRP B 318 6.85 7.35 18.01
N LEU B 319 6.10 8.29 17.44
CA LEU B 319 6.69 9.54 16.92
CA LEU B 319 6.70 9.51 16.89
C LEU B 319 7.43 10.35 17.97
N ALA B 320 6.74 10.64 19.06
CA ALA B 320 7.34 11.39 20.16
C ALA B 320 8.60 10.69 20.69
N GLY B 321 8.54 9.37 20.86
CA GLY B 321 9.68 8.63 21.40
C GLY B 321 10.85 8.58 20.45
N TYR B 322 10.57 8.36 19.16
CA TYR B 322 11.62 8.34 18.16
C TYR B 322 12.34 9.69 18.09
N LEU B 323 11.56 10.76 18.04
CA LEU B 323 12.12 12.10 17.89
C LEU B 323 13.01 12.45 19.08
N HIS B 324 12.60 12.02 20.27
CA HIS B 324 13.41 12.25 21.46
C HIS B 324 14.71 11.48 21.35
N TRP B 325 14.62 10.21 20.99
CA TRP B 325 15.81 9.36 20.82
C TRP B 325 16.76 9.97 19.79
N GLU B 326 16.21 10.48 18.70
CA GLU B 326 17.02 10.96 17.58
C GLU B 326 17.79 12.22 17.94
N SER B 327 17.21 13.03 18.81
CA SER B 327 17.86 14.27 19.19
C SER B 327 18.92 14.02 20.29
N HIS B 328 18.85 12.82 20.87
CA HIS B 328 19.60 12.39 22.06
C HIS B 328 19.27 13.29 23.24
#